data_3T01
#
_entry.id   3T01
#
_cell.length_a   111.637
_cell.length_b   111.637
_cell.length_c   72.506
_cell.angle_alpha   90.000
_cell.angle_beta   90.000
_cell.angle_gamma   90.000
#
_symmetry.space_group_name_H-M   'P 43 21 2'
#
loop_
_entity.id
_entity.type
_entity.pdbx_description
1 polymer 'phosphonoacetate hydrolase'
2 non-polymer 'ZINC ION'
3 non-polymer 'PHOSPHONOFORMIC ACID'
4 water water
#
_entity_poly.entity_id   1
_entity_poly.type   'polypeptide(L)'
_entity_poly.pdbx_seq_one_letter_code
;GSHMNQMSKISVTVNGRRYPWPRVPAIAVCLDGCEPAYLDAAIDAGLMPALKRIKERGAVRLAHSVIPSFTNPNNLSIAT
GSPPAVHGICGNYLYEPSTGEEVMMNDPKFLRAPTIFQAFYDAGARVAVVTAKDKLRALLGKGLRFDEGRAVCFSSEKSD
KATRAEHGIDNASAWLGRPVPEVYSAALSEFVFAAGVKLLREFRPDIMYLTTTDYVQHKYAPGVPEANSFYEMFDRYLAE
LDGLGAAIVVTADHGMKPKHKADGSPDVIYVQDLLDEWLGKDAARVILPITDPYVVHHGALGSFATAYLPDGCDRSEIMA
RLKAIQGVDVVLGREEACRRFELPEDRIGDIVLVSSENKTLGTSEHRHDLAALDEPLRSHGGLTEQEVPFIVNRVLPELP
NAPRLRNFDAFFYAVTAAAEAGAEGGL
;
_entity_poly.pdbx_strand_id   A
#
# COMPACT_ATOMS: atom_id res chain seq x y z
N MET A 7 -7.87 -34.83 16.09
CA MET A 7 -8.26 -34.07 14.87
C MET A 7 -7.14 -33.15 14.41
N SER A 8 -6.82 -33.22 13.12
CA SER A 8 -5.86 -32.30 12.52
C SER A 8 -6.47 -30.89 12.39
N LYS A 9 -5.62 -29.89 12.50
CA LYS A 9 -6.04 -28.50 12.35
C LYS A 9 -6.27 -28.20 10.87
N ILE A 10 -7.21 -27.29 10.60
CA ILE A 10 -7.52 -26.91 9.23
C ILE A 10 -6.73 -25.67 8.86
N SER A 11 -6.16 -25.69 7.66
CA SER A 11 -5.40 -24.55 7.15
C SER A 11 -5.55 -24.40 5.64
N VAL A 12 -5.16 -23.23 5.15
CA VAL A 12 -5.10 -22.92 3.74
C VAL A 12 -3.69 -22.45 3.45
N THR A 13 -3.04 -23.10 2.49
CA THR A 13 -1.66 -22.77 2.13
C THR A 13 -1.65 -21.89 0.90
N VAL A 14 -0.98 -20.74 1.02
N VAL A 14 -1.03 -20.72 1.00
CA VAL A 14 -0.92 -19.70 0.01
CA VAL A 14 -0.91 -19.87 -0.15
C VAL A 14 0.51 -19.19 -0.14
C VAL A 14 0.43 -19.18 -0.20
N ASN A 15 1.07 -19.28 -1.35
CA ASN A 15 2.43 -18.78 -1.60
C ASN A 15 3.43 -19.27 -0.55
N GLY A 16 3.32 -20.56 -0.24
CA GLY A 16 4.24 -21.24 0.67
C GLY A 16 4.07 -20.93 2.14
N ARG A 17 2.96 -20.28 2.50
CA ARG A 17 2.69 -20.00 3.91
C ARG A 17 1.37 -20.65 4.35
N ARG A 18 1.37 -21.18 5.56
CA ARG A 18 0.22 -21.92 6.08
C ARG A 18 -0.68 -21.04 6.94
N TYR A 19 -1.89 -20.80 6.48
CA TYR A 19 -2.86 -19.97 7.20
C TYR A 19 -3.88 -20.83 7.93
N PRO A 20 -3.86 -20.81 9.28
CA PRO A 20 -4.90 -21.54 10.01
C PRO A 20 -6.28 -20.99 9.70
N TRP A 21 -7.28 -21.87 9.68
CA TRP A 21 -8.64 -21.42 9.46
C TRP A 21 -9.11 -20.57 10.65
N PRO A 22 -9.64 -19.36 10.37
CA PRO A 22 -10.07 -18.50 11.48
C PRO A 22 -11.41 -18.94 12.07
N ARG A 23 -11.46 -19.09 13.39
CA ARG A 23 -12.71 -19.48 14.08
C ARG A 23 -13.68 -18.30 14.19
N VAL A 24 -13.12 -17.10 14.30
CA VAL A 24 -13.88 -15.85 14.23
C VAL A 24 -13.35 -15.05 13.04
N PRO A 25 -14.10 -14.04 12.56
CA PRO A 25 -13.62 -13.30 11.40
C PRO A 25 -12.22 -12.69 11.59
N ALA A 26 -11.41 -12.78 10.55
CA ALA A 26 -10.06 -12.21 10.57
C ALA A 26 -10.00 -11.03 9.61
N ILE A 27 -9.65 -9.88 10.15
CA ILE A 27 -9.65 -8.63 9.38
C ILE A 27 -8.28 -8.01 9.42
N ALA A 28 -7.81 -7.55 8.27
CA ALA A 28 -6.66 -6.63 8.22
C ALA A 28 -7.10 -5.29 7.68
N VAL A 29 -6.71 -4.23 8.36
CA VAL A 29 -7.00 -2.87 7.94
C VAL A 29 -5.69 -2.25 7.48
N CYS A 30 -5.65 -1.80 6.23
CA CYS A 30 -4.51 -1.06 5.74
C CYS A 30 -4.84 0.43 5.78
N LEU A 31 -4.24 1.11 6.75
CA LEU A 31 -4.32 2.56 6.84
C LEU A 31 -3.25 3.16 5.94
N ASP A 32 -3.67 3.49 4.72
CA ASP A 32 -2.77 3.99 3.69
C ASP A 32 -1.97 5.20 4.20
N GLY A 33 -0.64 5.10 4.10
CA GLY A 33 0.24 6.19 4.50
C GLY A 33 0.30 6.51 5.98
N CYS A 34 -0.12 5.57 6.82
CA CYS A 34 -0.14 5.81 8.26
C CYS A 34 1.24 5.69 8.90
N GLU A 35 2.04 6.75 8.75
CA GLU A 35 3.21 6.96 9.57
C GLU A 35 2.79 6.74 11.02
N PRO A 36 3.58 5.96 11.81
CA PRO A 36 3.19 5.66 13.19
C PRO A 36 2.84 6.90 14.02
N ALA A 37 3.56 7.99 13.77
CA ALA A 37 3.33 9.26 14.45
C ALA A 37 1.87 9.74 14.40
N TYR A 38 1.15 9.43 13.32
CA TYR A 38 -0.26 9.82 13.22
C TYR A 38 -1.07 9.23 14.36
N LEU A 39 -0.87 7.94 14.61
CA LEU A 39 -1.60 7.25 15.69
C LEU A 39 -1.18 7.74 17.06
N ASP A 40 0.13 7.90 17.27
CA ASP A 40 0.63 8.40 18.55
C ASP A 40 -0.03 9.74 18.87
N ALA A 41 -0.05 10.64 17.89
CA ALA A 41 -0.60 11.98 18.10
C ALA A 41 -2.09 11.96 18.41
N ALA A 42 -2.85 11.17 17.64
CA ALA A 42 -4.30 11.10 17.84
C ALA A 42 -4.64 10.46 19.18
N ILE A 43 -3.91 9.42 19.55
CA ILE A 43 -4.09 8.78 20.86
C ILE A 43 -3.80 9.75 22.01
N ASP A 44 -2.68 10.46 21.91
CA ASP A 44 -2.27 11.42 22.94
C ASP A 44 -3.29 12.54 23.12
N ALA A 45 -3.98 12.88 22.04
CA ALA A 45 -5.00 13.93 22.03
C ALA A 45 -6.35 13.43 22.57
N GLY A 46 -6.40 12.16 22.97
CA GLY A 46 -7.58 11.55 23.57
C GLY A 46 -8.65 11.14 22.57
N LEU A 47 -8.27 11.03 21.30
CA LEU A 47 -9.21 10.87 20.21
C LEU A 47 -9.45 9.43 19.79
N MET A 48 -8.64 8.51 20.31
CA MET A 48 -8.72 7.11 19.91
C MET A 48 -8.85 6.17 21.12
N PRO A 49 -9.93 6.30 21.91
CA PRO A 49 -10.04 5.46 23.10
C PRO A 49 -10.07 3.97 22.82
N ALA A 50 -10.61 3.56 21.67
CA ALA A 50 -10.67 2.15 21.32
C ALA A 50 -9.29 1.61 21.01
N LEU A 51 -8.56 2.27 20.11
CA LEU A 51 -7.21 1.84 19.79
C LEU A 51 -6.31 1.88 21.02
N LYS A 52 -6.47 2.90 21.86
CA LYS A 52 -5.68 3.00 23.09
C LYS A 52 -5.85 1.74 23.95
N ARG A 53 -7.10 1.33 24.17
CA ARG A 53 -7.39 0.12 24.93
C ARG A 53 -6.91 -1.15 24.20
N ILE A 54 -7.13 -1.19 22.89
CA ILE A 54 -6.73 -2.34 22.08
C ILE A 54 -5.22 -2.56 22.16
N LYS A 55 -4.46 -1.46 22.08
CA LYS A 55 -3.01 -1.52 22.24
C LYS A 55 -2.61 -2.05 23.63
N GLU A 56 -3.22 -1.50 24.67
CA GLU A 56 -2.91 -1.92 26.06
C GLU A 56 -3.12 -3.42 26.28
N ARG A 57 -4.20 -3.95 25.69
CA ARG A 57 -4.63 -5.32 25.96
C ARG A 57 -4.20 -6.34 24.91
N GLY A 58 -3.71 -5.86 23.78
CA GLY A 58 -3.38 -6.74 22.65
C GLY A 58 -1.90 -6.86 22.38
N ALA A 59 -1.52 -6.72 21.12
CA ALA A 59 -0.12 -6.80 20.72
C ALA A 59 0.25 -5.56 19.90
N VAL A 60 1.28 -4.84 20.35
CA VAL A 60 1.73 -3.61 19.71
C VAL A 60 3.13 -3.81 19.10
N ARG A 61 3.23 -3.57 17.80
CA ARG A 61 4.51 -3.70 17.10
C ARG A 61 4.70 -2.63 16.04
N LEU A 62 5.91 -2.54 15.53
CA LEU A 62 6.17 -1.87 14.27
C LEU A 62 6.55 -2.95 13.26
N ALA A 63 6.17 -2.75 12.01
CA ALA A 63 6.49 -3.68 10.95
C ALA A 63 7.22 -2.96 9.82
N HIS A 64 7.84 -3.73 8.93
CA HIS A 64 8.47 -3.17 7.74
C HIS A 64 7.70 -3.46 6.48
N SER A 65 7.44 -2.39 5.72
CA SER A 65 6.84 -2.47 4.42
C SER A 65 7.82 -3.07 3.42
N VAL A 66 7.33 -3.27 2.21
CA VAL A 66 8.16 -3.54 1.04
C VAL A 66 8.78 -2.24 0.55
N ILE A 67 9.98 -2.32 0.01
CA ILE A 67 10.60 -1.25 -0.76
C ILE A 67 10.45 -1.64 -2.24
N PRO A 68 9.90 -0.74 -3.07
CA PRO A 68 9.51 0.64 -2.77
C PRO A 68 8.29 0.73 -1.86
N SER A 69 8.34 1.69 -0.94
CA SER A 69 7.24 1.91 0.01
C SER A 69 6.12 2.70 -0.65
N PHE A 70 5.54 2.08 -1.68
CA PHE A 70 4.42 2.64 -2.44
C PHE A 70 3.16 1.80 -2.24
N THR A 71 2.02 2.35 -2.65
CA THR A 71 0.71 1.77 -2.37
C THR A 71 0.45 0.43 -3.04
N ASN A 72 0.62 0.36 -4.36
CA ASN A 72 0.29 -0.87 -5.07
C ASN A 72 1.14 -2.07 -4.67
N PRO A 73 2.49 -1.92 -4.67
CA PRO A 73 3.31 -3.08 -4.29
C PRO A 73 3.00 -3.56 -2.87
N ASN A 74 2.75 -2.63 -1.95
CA ASN A 74 2.48 -3.03 -0.58
C ASN A 74 1.09 -3.61 -0.37
N ASN A 75 0.08 -3.04 -1.01
CA ASN A 75 -1.26 -3.64 -0.93
C ASN A 75 -1.28 -5.06 -1.48
N LEU A 76 -0.61 -5.29 -2.61
CA LEU A 76 -0.59 -6.63 -3.19
C LEU A 76 0.27 -7.60 -2.41
N SER A 77 1.29 -7.08 -1.72
CA SER A 77 2.06 -7.90 -0.77
C SER A 77 1.19 -8.35 0.40
N ILE A 78 0.44 -7.42 0.99
CA ILE A 78 -0.48 -7.77 2.06
C ILE A 78 -1.53 -8.79 1.59
N ALA A 79 -2.05 -8.58 0.38
CA ALA A 79 -3.08 -9.45 -0.18
C ALA A 79 -2.59 -10.88 -0.46
N THR A 80 -1.31 -11.04 -0.76
CA THR A 80 -0.75 -12.34 -1.15
C THR A 80 0.12 -12.96 -0.06
N GLY A 81 0.46 -12.15 0.94
CA GLY A 81 1.40 -12.55 2.00
C GLY A 81 2.83 -12.76 1.50
N SER A 82 3.17 -12.10 0.39
CA SER A 82 4.45 -12.32 -0.27
C SER A 82 4.99 -11.00 -0.83
N PRO A 83 6.31 -10.91 -1.05
CA PRO A 83 6.89 -9.69 -1.64
C PRO A 83 6.71 -9.66 -3.16
N PRO A 84 7.00 -8.50 -3.80
CA PRO A 84 6.78 -8.38 -5.25
C PRO A 84 7.57 -9.36 -6.12
N ALA A 85 8.69 -9.89 -5.62
CA ALA A 85 9.41 -10.93 -6.35
C ALA A 85 8.52 -12.13 -6.62
N VAL A 86 7.53 -12.34 -5.76
CA VAL A 86 6.57 -13.42 -5.92
C VAL A 86 5.35 -12.97 -6.73
N HIS A 87 4.71 -11.88 -6.32
CA HIS A 87 3.44 -11.50 -6.94
C HIS A 87 3.53 -10.62 -8.20
N GLY A 88 4.68 -9.97 -8.38
CA GLY A 88 4.95 -9.25 -9.62
C GLY A 88 4.57 -7.78 -9.68
N ILE A 89 3.83 -7.30 -8.68
CA ILE A 89 3.40 -5.90 -8.67
C ILE A 89 4.43 -5.07 -7.89
N CYS A 90 5.38 -4.49 -8.62
CA CYS A 90 6.49 -3.75 -7.99
C CYS A 90 6.42 -2.25 -8.27
N GLY A 91 5.40 -1.83 -9.00
CA GLY A 91 5.17 -0.42 -9.30
C GLY A 91 3.84 -0.24 -10.01
N ASN A 92 3.53 1.01 -10.38
CA ASN A 92 2.27 1.31 -11.05
C ASN A 92 2.29 1.00 -12.53
N TYR A 93 3.49 0.96 -13.11
CA TYR A 93 3.66 0.65 -14.53
C TYR A 93 5.01 0.03 -14.80
N LEU A 94 5.12 -0.72 -15.89
CA LEU A 94 6.40 -1.26 -16.32
C LEU A 94 6.81 -0.67 -17.65
N TYR A 95 8.13 -0.64 -17.88
CA TYR A 95 8.70 -0.07 -19.08
C TYR A 95 9.36 -1.18 -19.91
N GLU A 96 9.09 -1.16 -21.22
CA GLU A 96 9.72 -2.08 -22.15
C GLU A 96 10.76 -1.33 -22.99
N PRO A 97 12.06 -1.62 -22.77
CA PRO A 97 13.17 -0.98 -23.49
C PRO A 97 13.00 -1.01 -25.01
N SER A 98 12.58 -2.16 -25.53
CA SER A 98 12.17 -2.26 -26.93
C SER A 98 10.77 -1.67 -27.08
N THR A 99 10.60 -0.82 -28.08
CA THR A 99 9.36 -0.06 -28.32
C THR A 99 9.30 1.24 -27.49
N GLY A 100 9.86 1.20 -26.28
CA GLY A 100 9.85 2.34 -25.37
C GLY A 100 8.48 2.56 -24.76
N GLU A 101 7.71 1.48 -24.66
CA GLU A 101 6.33 1.54 -24.18
C GLU A 101 6.24 1.45 -22.67
N GLU A 102 5.38 2.29 -22.08
CA GLU A 102 5.05 2.20 -20.67
C GLU A 102 3.64 1.65 -20.53
N VAL A 103 3.52 0.45 -19.99
CA VAL A 103 2.23 -0.22 -19.84
C VAL A 103 1.77 -0.21 -18.38
N MET A 104 0.52 0.19 -18.16
CA MET A 104 -0.06 0.27 -16.83
C MET A 104 -0.14 -1.11 -16.18
N MET A 105 0.06 -1.14 -14.86
CA MET A 105 0.01 -2.39 -14.10
C MET A 105 -1.22 -2.45 -13.20
N ASN A 106 -2.39 -2.12 -13.76
CA ASN A 106 -3.64 -2.17 -12.99
C ASN A 106 -4.53 -3.37 -13.30
N ASP A 107 -4.32 -4.00 -14.45
CA ASP A 107 -5.05 -5.20 -14.81
C ASP A 107 -4.58 -6.37 -13.94
N PRO A 108 -5.52 -7.17 -13.41
CA PRO A 108 -5.15 -8.34 -12.62
C PRO A 108 -4.29 -9.37 -13.36
N LYS A 109 -4.22 -9.29 -14.69
CA LYS A 109 -3.37 -10.20 -15.46
C LYS A 109 -1.89 -10.07 -15.10
N PHE A 110 -1.51 -8.93 -14.56
CA PHE A 110 -0.13 -8.67 -14.14
C PHE A 110 0.24 -9.30 -12.79
N LEU A 111 -0.77 -9.71 -12.03
CA LEU A 111 -0.55 -10.42 -10.77
C LEU A 111 -0.16 -11.87 -11.05
N ARG A 112 0.96 -12.30 -10.48
CA ARG A 112 1.57 -13.61 -10.79
C ARG A 112 1.51 -14.62 -9.66
N ALA A 113 0.83 -14.27 -8.58
CA ALA A 113 0.63 -15.18 -7.46
C ALA A 113 -0.80 -15.03 -6.98
N PRO A 114 -1.40 -16.10 -6.43
CA PRO A 114 -2.75 -15.99 -5.91
C PRO A 114 -2.82 -15.16 -4.64
N THR A 115 -3.96 -14.51 -4.43
CA THR A 115 -4.19 -13.81 -3.17
C THR A 115 -4.63 -14.79 -2.09
N ILE A 116 -4.42 -14.38 -0.84
CA ILE A 116 -4.97 -15.08 0.32
C ILE A 116 -6.49 -15.17 0.17
N PHE A 117 -7.08 -14.13 -0.40
CA PHE A 117 -8.53 -14.06 -0.59
C PHE A 117 -9.04 -15.17 -1.50
N GLN A 118 -8.39 -15.35 -2.65
CA GLN A 118 -8.76 -16.44 -3.55
C GLN A 118 -8.55 -17.81 -2.90
N ALA A 119 -7.43 -17.97 -2.20
CA ALA A 119 -7.11 -19.25 -1.58
C ALA A 119 -8.18 -19.66 -0.56
N PHE A 120 -8.58 -18.73 0.30
CA PHE A 120 -9.64 -19.00 1.26
C PHE A 120 -10.98 -19.19 0.56
N TYR A 121 -11.26 -18.39 -0.46
CA TYR A 121 -12.50 -18.54 -1.21
C TYR A 121 -12.62 -19.94 -1.83
N ASP A 122 -11.55 -20.39 -2.49
CA ASP A 122 -11.54 -21.70 -3.13
C ASP A 122 -11.70 -22.84 -2.10
N ALA A 123 -11.32 -22.57 -0.86
CA ALA A 123 -11.43 -23.54 0.23
C ALA A 123 -12.79 -23.49 0.93
N GLY A 124 -13.69 -22.63 0.44
CA GLY A 124 -15.06 -22.55 0.93
C GLY A 124 -15.37 -21.40 1.89
N ALA A 125 -14.42 -20.50 2.07
CA ALA A 125 -14.61 -19.37 3.00
C ALA A 125 -15.52 -18.29 2.45
N ARG A 126 -15.97 -17.42 3.35
CA ARG A 126 -16.62 -16.16 2.97
C ARG A 126 -15.57 -15.06 3.03
N VAL A 127 -15.45 -14.31 1.94
CA VAL A 127 -14.35 -13.34 1.81
C VAL A 127 -14.89 -11.97 1.39
N ALA A 128 -14.41 -10.91 2.05
CA ALA A 128 -14.76 -9.54 1.67
C ALA A 128 -13.52 -8.65 1.49
N VAL A 129 -13.53 -7.86 0.41
CA VAL A 129 -12.46 -6.93 0.12
C VAL A 129 -13.11 -5.59 -0.23
N VAL A 130 -12.77 -4.55 0.52
CA VAL A 130 -13.23 -3.20 0.22
C VAL A 130 -12.05 -2.26 0.11
N THR A 131 -11.96 -1.58 -1.03
CA THR A 131 -10.92 -0.58 -1.27
C THR A 131 -11.55 0.80 -1.40
N ALA A 132 -10.74 1.84 -1.24
CA ALA A 132 -11.24 3.20 -1.41
C ALA A 132 -11.20 3.56 -2.89
N LYS A 133 -10.00 3.49 -3.47
CA LYS A 133 -9.85 3.76 -4.88
C LYS A 133 -10.09 2.51 -5.71
N ASP A 134 -10.63 2.71 -6.90
CA ASP A 134 -11.08 1.60 -7.71
C ASP A 134 -10.00 0.81 -8.45
N LYS A 135 -8.88 1.46 -8.80
CA LYS A 135 -7.87 0.77 -9.61
CA LYS A 135 -7.84 0.80 -9.60
C LYS A 135 -7.19 -0.38 -8.87
N LEU A 136 -7.34 -0.41 -7.55
CA LEU A 136 -6.81 -1.50 -6.73
C LEU A 136 -7.81 -2.66 -6.60
N ARG A 137 -9.09 -2.35 -6.85
CA ARG A 137 -10.19 -3.31 -6.65
C ARG A 137 -10.05 -4.58 -7.50
N ALA A 138 -9.84 -4.42 -8.81
CA ALA A 138 -9.71 -5.58 -9.68
C ALA A 138 -8.48 -6.45 -9.36
N LEU A 139 -7.37 -5.81 -9.01
CA LEU A 139 -6.16 -6.53 -8.60
C LEU A 139 -6.41 -7.34 -7.34
N LEU A 140 -6.94 -6.69 -6.31
CA LEU A 140 -7.17 -7.36 -5.03
C LEU A 140 -8.25 -8.43 -5.10
N GLY A 141 -9.19 -8.26 -6.03
CA GLY A 141 -10.29 -9.20 -6.18
C GLY A 141 -10.02 -10.37 -7.11
N LYS A 142 -8.81 -10.44 -7.67
CA LYS A 142 -8.51 -11.50 -8.66
C LYS A 142 -8.74 -12.89 -8.09
N GLY A 143 -9.50 -13.70 -8.83
CA GLY A 143 -9.77 -15.07 -8.44
C GLY A 143 -11.01 -15.27 -7.59
N LEU A 144 -11.58 -14.17 -7.09
CA LEU A 144 -12.85 -14.26 -6.37
C LEU A 144 -13.97 -14.56 -7.35
N ARG A 145 -15.01 -15.23 -6.85
CA ARG A 145 -16.19 -15.56 -7.64
C ARG A 145 -17.43 -15.09 -6.91
N PHE A 146 -18.47 -14.77 -7.66
CA PHE A 146 -19.62 -14.08 -7.09
C PHE A 146 -20.96 -14.78 -7.34
N ASP A 147 -20.90 -16.10 -7.51
CA ASP A 147 -22.06 -16.90 -7.86
C ASP A 147 -22.55 -17.84 -6.74
N GLU A 148 -21.96 -17.71 -5.55
CA GLU A 148 -22.32 -18.56 -4.41
C GLU A 148 -22.60 -17.75 -3.15
N GLY A 149 -22.66 -16.43 -3.28
CA GLY A 149 -22.90 -15.53 -2.16
C GLY A 149 -21.81 -15.55 -1.09
N ARG A 150 -20.60 -15.93 -1.50
CA ARG A 150 -19.49 -16.07 -0.55
C ARG A 150 -18.37 -15.04 -0.72
N ALA A 151 -18.56 -14.10 -1.66
CA ALA A 151 -17.55 -13.06 -1.85
C ALA A 151 -18.17 -11.71 -2.12
N VAL A 152 -17.55 -10.67 -1.56
CA VAL A 152 -17.90 -9.29 -1.88
C VAL A 152 -16.61 -8.53 -2.15
N CYS A 153 -16.56 -7.79 -3.25
CA CYS A 153 -15.39 -6.99 -3.59
C CYS A 153 -15.80 -5.74 -4.36
N PHE A 154 -15.60 -4.59 -3.75
CA PHE A 154 -15.95 -3.32 -4.38
C PHE A 154 -15.12 -2.18 -3.82
N SER A 155 -15.16 -1.03 -4.48
CA SER A 155 -14.49 0.17 -4.00
C SER A 155 -15.50 1.23 -3.59
N SER A 156 -15.09 2.14 -2.71
CA SER A 156 -15.92 3.31 -2.38
CA SER A 156 -15.98 3.26 -2.40
C SER A 156 -16.16 4.13 -3.64
N GLU A 157 -15.07 4.31 -4.40
CA GLU A 157 -15.10 5.14 -5.61
C GLU A 157 -16.17 4.73 -6.61
N LYS A 158 -16.34 3.43 -6.82
CA LYS A 158 -17.30 2.89 -7.77
C LYS A 158 -18.38 2.08 -7.07
N SER A 159 -18.69 2.45 -5.83
CA SER A 159 -19.65 1.68 -5.03
C SER A 159 -21.03 1.61 -5.67
N ASP A 160 -21.43 2.67 -6.36
CA ASP A 160 -22.74 2.70 -7.01
C ASP A 160 -22.79 1.88 -8.30
N LYS A 161 -21.63 1.36 -8.72
CA LYS A 161 -21.56 0.52 -9.92
C LYS A 161 -21.47 -0.98 -9.62
N ALA A 162 -21.39 -1.33 -8.34
CA ALA A 162 -21.28 -2.75 -7.95
C ALA A 162 -22.50 -3.54 -8.40
N THR A 163 -22.25 -4.74 -8.94
CA THR A 163 -23.33 -5.67 -9.32
C THR A 163 -23.14 -7.01 -8.65
N ARG A 164 -24.22 -7.75 -8.46
CA ARG A 164 -24.14 -9.09 -7.88
C ARG A 164 -23.11 -9.95 -8.62
N ALA A 165 -23.20 -10.00 -9.95
CA ALA A 165 -22.37 -10.89 -10.75
C ALA A 165 -20.89 -10.57 -10.74
N GLU A 166 -20.54 -9.30 -10.52
CA GLU A 166 -19.13 -8.90 -10.66
C GLU A 166 -18.49 -8.39 -9.36
N HIS A 167 -19.32 -8.14 -8.34
CA HIS A 167 -18.86 -7.61 -7.06
C HIS A 167 -19.47 -8.30 -5.85
N GLY A 168 -20.50 -9.11 -6.07
CA GLY A 168 -21.18 -9.84 -5.00
C GLY A 168 -22.23 -9.03 -4.27
N ILE A 169 -22.51 -7.82 -4.78
CA ILE A 169 -23.45 -6.90 -4.15
C ILE A 169 -23.97 -5.93 -5.20
N ASP A 170 -25.27 -5.63 -5.14
CA ASP A 170 -25.87 -4.65 -6.04
C ASP A 170 -25.89 -3.27 -5.42
N ASN A 171 -25.08 -2.38 -6.00
CA ASN A 171 -24.98 -0.98 -5.58
C ASN A 171 -24.66 -0.83 -4.10
N ALA A 172 -23.37 -0.87 -3.79
CA ALA A 172 -22.92 -0.80 -2.40
C ALA A 172 -23.21 0.56 -1.76
N SER A 173 -23.37 1.60 -2.58
CA SER A 173 -23.74 2.92 -2.06
C SER A 173 -25.18 2.92 -1.54
N ALA A 174 -26.10 2.42 -2.34
CA ALA A 174 -27.50 2.29 -1.90
C ALA A 174 -27.62 1.36 -0.70
N TRP A 175 -26.88 0.26 -0.73
CA TRP A 175 -26.88 -0.72 0.35
C TRP A 175 -26.41 -0.10 1.67
N LEU A 176 -25.29 0.61 1.61
CA LEU A 176 -24.72 1.23 2.81
C LEU A 176 -25.54 2.44 3.27
N GLY A 177 -26.24 3.05 2.33
CA GLY A 177 -27.03 4.25 2.62
C GLY A 177 -26.17 5.51 2.73
N ARG A 178 -25.04 5.52 2.03
CA ARG A 178 -24.17 6.69 1.96
C ARG A 178 -23.84 6.99 0.51
N PRO A 179 -23.73 8.29 0.16
CA PRO A 179 -23.40 8.64 -1.21
C PRO A 179 -21.96 8.27 -1.58
N VAL A 180 -21.69 8.16 -2.88
CA VAL A 180 -20.34 7.94 -3.36
C VAL A 180 -19.49 9.15 -2.96
N PRO A 181 -18.41 8.90 -2.21
CA PRO A 181 -17.58 10.03 -1.77
C PRO A 181 -16.74 10.62 -2.90
N GLU A 182 -16.35 11.88 -2.72
CA GLU A 182 -15.32 12.49 -3.54
C GLU A 182 -14.05 11.66 -3.44
N VAL A 183 -13.38 11.45 -4.57
CA VAL A 183 -12.13 10.69 -4.59
C VAL A 183 -11.05 11.33 -3.72
N TYR A 184 -10.89 12.64 -3.85
CA TYR A 184 -9.91 13.39 -3.06
C TYR A 184 -10.53 13.88 -1.76
N SER A 185 -10.76 12.94 -0.85
CA SER A 185 -11.39 13.23 0.44
C SER A 185 -11.09 12.17 1.49
N ALA A 186 -11.23 12.55 2.75
CA ALA A 186 -11.24 11.60 3.86
C ALA A 186 -12.44 10.66 3.76
N ALA A 187 -13.56 11.18 3.27
CA ALA A 187 -14.80 10.41 3.18
C ALA A 187 -14.67 9.16 2.32
N LEU A 188 -13.75 9.19 1.33
CA LEU A 188 -13.51 8.00 0.50
C LEU A 188 -13.07 6.83 1.37
N SER A 189 -12.25 7.13 2.38
CA SER A 189 -11.78 6.11 3.32
C SER A 189 -12.81 5.78 4.40
N GLU A 190 -13.52 6.80 4.90
CA GLU A 190 -14.59 6.54 5.86
C GLU A 190 -15.60 5.53 5.31
N PHE A 191 -15.92 5.66 4.03
CA PHE A 191 -16.86 4.75 3.38
C PHE A 191 -16.39 3.30 3.48
N VAL A 192 -15.08 3.10 3.34
CA VAL A 192 -14.48 1.76 3.50
C VAL A 192 -14.73 1.20 4.89
N PHE A 193 -14.48 2.00 5.93
CA PHE A 193 -14.66 1.55 7.30
C PHE A 193 -16.12 1.20 7.57
N ALA A 194 -17.02 2.06 7.09
CA ALA A 194 -18.45 1.88 7.26
C ALA A 194 -18.94 0.61 6.56
N ALA A 195 -18.47 0.40 5.34
CA ALA A 195 -18.79 -0.81 4.60
C ALA A 195 -18.27 -2.05 5.34
N GLY A 196 -17.07 -1.94 5.89
CA GLY A 196 -16.45 -3.03 6.64
C GLY A 196 -17.29 -3.45 7.83
N VAL A 197 -17.79 -2.47 8.58
CA VAL A 197 -18.64 -2.76 9.73
C VAL A 197 -19.93 -3.45 9.29
N LYS A 198 -20.57 -2.90 8.27
CA LYS A 198 -21.84 -3.47 7.81
C LYS A 198 -21.65 -4.88 7.24
N LEU A 199 -20.54 -5.11 6.53
CA LEU A 199 -20.21 -6.46 6.07
C LEU A 199 -19.94 -7.42 7.23
N LEU A 200 -19.23 -6.95 8.25
CA LEU A 200 -18.97 -7.82 9.39
C LEU A 200 -20.27 -8.27 10.05
N ARG A 201 -21.21 -7.33 10.22
CA ARG A 201 -22.51 -7.61 10.83
C ARG A 201 -23.38 -8.53 9.98
N GLU A 202 -23.49 -8.20 8.69
CA GLU A 202 -24.55 -8.75 7.86
C GLU A 202 -24.07 -9.84 6.89
N PHE A 203 -22.80 -9.78 6.51
CA PHE A 203 -22.21 -10.75 5.58
C PHE A 203 -21.40 -11.82 6.31
N ARG A 204 -20.83 -11.45 7.46
CA ARG A 204 -20.04 -12.36 8.31
C ARG A 204 -18.90 -13.06 7.54
N PRO A 205 -17.95 -12.28 7.02
CA PRO A 205 -16.82 -12.88 6.29
C PRO A 205 -15.88 -13.62 7.24
N ASP A 206 -15.22 -14.65 6.73
CA ASP A 206 -14.13 -15.30 7.47
C ASP A 206 -12.86 -14.47 7.33
N ILE A 207 -12.68 -13.86 6.17
CA ILE A 207 -11.50 -13.06 5.84
C ILE A 207 -12.00 -11.74 5.26
N MET A 208 -11.51 -10.62 5.78
CA MET A 208 -11.85 -9.33 5.21
C MET A 208 -10.66 -8.37 5.20
N TYR A 209 -10.50 -7.69 4.06
CA TYR A 209 -9.48 -6.66 3.89
C TYR A 209 -10.12 -5.32 3.64
N LEU A 210 -9.69 -4.31 4.40
CA LEU A 210 -10.16 -2.94 4.23
C LEU A 210 -8.94 -2.07 3.98
N THR A 211 -8.94 -1.34 2.86
CA THR A 211 -7.79 -0.51 2.50
C THR A 211 -8.24 0.86 2.03
N THR A 212 -7.50 1.88 2.45
CA THR A 212 -7.93 3.28 2.32
C THR A 212 -7.06 3.99 1.28
N THR A 213 -7.09 5.33 1.26
CA THR A 213 -6.11 6.09 0.47
C THR A 213 -5.36 7.04 1.38
N ASP A 214 -4.22 7.54 0.90
CA ASP A 214 -3.39 8.42 1.69
C ASP A 214 -3.60 9.91 1.36
N TYR A 215 -4.79 10.24 0.87
CA TYR A 215 -5.13 11.64 0.56
C TYR A 215 -4.83 12.58 1.72
N VAL A 216 -5.38 12.28 2.90
CA VAL A 216 -5.20 13.13 4.08
C VAL A 216 -3.73 13.23 4.48
N GLN A 217 -3.03 12.10 4.40
CA GLN A 217 -1.67 11.99 4.89
C GLN A 217 -0.65 12.72 4.01
N HIS A 218 -0.92 12.77 2.70
CA HIS A 218 -0.09 13.59 1.81
C HIS A 218 -0.25 15.08 2.12
N LYS A 219 -1.43 15.47 2.60
CA LYS A 219 -1.75 16.88 2.83
C LYS A 219 -1.42 17.39 4.22
N TYR A 220 -1.55 16.52 5.22
CA TYR A 220 -1.49 16.93 6.62
C TYR A 220 -0.53 16.08 7.43
N ALA A 221 0.33 16.75 8.20
CA ALA A 221 1.29 16.09 9.08
C ALA A 221 0.63 15.55 10.35
N PRO A 222 1.29 14.60 11.05
CA PRO A 222 0.76 14.07 12.30
C PRO A 222 0.40 15.15 13.31
N GLY A 223 -0.77 15.02 13.95
CA GLY A 223 -1.17 15.92 15.03
C GLY A 223 -1.90 17.19 14.65
N VAL A 224 -1.93 17.54 13.37
CA VAL A 224 -2.70 18.72 12.94
C VAL A 224 -4.20 18.36 12.92
N PRO A 225 -5.09 19.36 13.01
CA PRO A 225 -6.51 19.04 13.19
C PRO A 225 -7.12 18.07 12.16
N GLU A 226 -6.75 18.22 10.90
CA GLU A 226 -7.36 17.43 9.82
C GLU A 226 -6.84 16.00 9.83
N ALA A 227 -5.60 15.81 10.29
CA ALA A 227 -5.03 14.47 10.45
C ALA A 227 -5.68 13.78 11.65
N ASN A 228 -5.70 14.48 12.78
CA ASN A 228 -6.34 13.98 13.99
C ASN A 228 -7.79 13.56 13.77
N SER A 229 -8.55 14.38 13.04
CA SER A 229 -9.96 14.07 12.76
C SER A 229 -10.14 12.77 11.97
N PHE A 230 -9.22 12.50 11.04
CA PHE A 230 -9.27 11.25 10.27
C PHE A 230 -9.14 10.03 11.20
N TYR A 231 -8.19 10.09 12.12
CA TYR A 231 -7.94 8.95 13.01
C TYR A 231 -8.97 8.82 14.12
N GLU A 232 -9.49 9.95 14.58
CA GLU A 232 -10.64 9.97 15.49
C GLU A 232 -11.81 9.25 14.84
N MET A 233 -12.05 9.55 13.57
CA MET A 233 -13.11 8.92 12.79
C MET A 233 -12.83 7.42 12.67
N PHE A 234 -11.60 7.04 12.30
CA PHE A 234 -11.29 5.62 12.15
C PHE A 234 -11.55 4.84 13.44
N ASP A 235 -11.17 5.43 14.57
CA ASP A 235 -11.29 4.76 15.85
C ASP A 235 -12.72 4.31 16.15
N ARG A 236 -13.70 5.10 15.72
CA ARG A 236 -15.11 4.75 15.94
C ARG A 236 -15.46 3.43 15.26
N TYR A 237 -14.96 3.26 14.04
CA TYR A 237 -15.21 2.04 13.27
C TYR A 237 -14.41 0.88 13.83
N LEU A 238 -13.17 1.15 14.26
CA LEU A 238 -12.34 0.13 14.90
C LEU A 238 -13.05 -0.37 16.16
N ALA A 239 -13.64 0.54 16.93
CA ALA A 239 -14.35 0.15 18.15
C ALA A 239 -15.47 -0.83 17.83
N GLU A 240 -16.21 -0.54 16.76
CA GLU A 240 -17.34 -1.35 16.36
C GLU A 240 -16.91 -2.72 15.83
N LEU A 241 -15.89 -2.74 14.97
CA LEU A 241 -15.34 -4.01 14.47
C LEU A 241 -14.85 -4.89 15.61
N ASP A 242 -14.12 -4.29 16.54
CA ASP A 242 -13.61 -5.00 17.71
C ASP A 242 -14.74 -5.52 18.59
N GLY A 243 -15.76 -4.70 18.81
CA GLY A 243 -16.91 -5.10 19.62
C GLY A 243 -17.70 -6.25 19.03
N LEU A 244 -17.66 -6.35 17.71
CA LEU A 244 -18.34 -7.45 17.00
C LEU A 244 -17.59 -8.78 17.07
N GLY A 245 -16.41 -8.78 17.66
CA GLY A 245 -15.72 -10.04 17.97
C GLY A 245 -14.65 -10.49 16.99
N ALA A 246 -14.38 -9.69 15.96
CA ALA A 246 -13.38 -10.05 14.95
C ALA A 246 -11.97 -9.94 15.51
N ALA A 247 -11.06 -10.75 14.98
CA ALA A 247 -9.63 -10.59 15.20
C ALA A 247 -9.12 -9.61 14.15
N ILE A 248 -8.40 -8.58 14.59
CA ILE A 248 -8.05 -7.44 13.73
C ILE A 248 -6.59 -7.10 13.81
N VAL A 249 -5.95 -7.00 12.64
CA VAL A 249 -4.62 -6.38 12.51
C VAL A 249 -4.79 -5.03 11.85
N VAL A 250 -4.27 -3.99 12.50
CA VAL A 250 -4.21 -2.65 11.92
C VAL A 250 -2.76 -2.41 11.52
N THR A 251 -2.55 -2.18 10.23
CA THR A 251 -1.22 -1.89 9.70
C THR A 251 -1.30 -0.82 8.62
N ALA A 252 -0.21 -0.64 7.87
CA ALA A 252 -0.20 0.32 6.78
C ALA A 252 0.62 -0.22 5.63
N ASP A 253 0.37 0.32 4.45
CA ASP A 253 1.16 -0.02 3.28
C ASP A 253 2.55 0.63 3.28
N HIS A 254 2.65 1.80 3.92
CA HIS A 254 3.87 2.60 4.00
C HIS A 254 3.59 3.78 4.91
N GLY A 255 4.65 4.47 5.32
CA GLY A 255 4.55 5.66 6.14
C GLY A 255 4.49 6.92 5.30
N MET A 256 4.89 8.04 5.89
CA MET A 256 4.79 9.33 5.22
C MET A 256 5.75 10.29 5.90
N LYS A 257 6.52 11.02 5.09
CA LYS A 257 7.49 11.99 5.60
C LYS A 257 7.41 13.29 4.80
N PRO A 258 7.78 14.43 5.42
CA PRO A 258 7.88 15.67 4.67
C PRO A 258 9.02 15.59 3.64
N LYS A 259 8.83 16.19 2.48
CA LYS A 259 9.81 16.13 1.40
C LYS A 259 10.04 17.50 0.78
N HIS A 260 10.12 18.52 1.63
CA HIS A 260 10.26 19.90 1.15
C HIS A 260 11.46 20.63 1.74
N LYS A 261 11.97 21.59 0.99
CA LYS A 261 13.03 22.48 1.44
C LYS A 261 12.50 23.40 2.55
N ALA A 262 13.41 24.16 3.16
CA ALA A 262 13.06 25.12 4.21
C ALA A 262 12.00 26.14 3.78
N ASP A 263 12.02 26.53 2.50
CA ASP A 263 11.04 27.48 1.97
C ASP A 263 9.70 26.83 1.61
N GLY A 264 9.60 25.52 1.81
CA GLY A 264 8.35 24.78 1.58
C GLY A 264 8.21 24.19 0.20
N SER A 265 9.18 24.45 -0.67
CA SER A 265 9.15 23.92 -2.04
C SER A 265 9.70 22.49 -2.08
N PRO A 266 9.27 21.69 -3.08
CA PRO A 266 9.74 20.32 -3.16
C PRO A 266 11.27 20.22 -3.31
N ASP A 267 11.87 19.30 -2.58
CA ASP A 267 13.30 19.04 -2.68
C ASP A 267 13.51 17.81 -3.55
N VAL A 268 13.85 18.05 -4.83
CA VAL A 268 13.85 16.99 -5.84
C VAL A 268 15.21 16.84 -6.50
N ILE A 269 15.63 15.59 -6.70
CA ILE A 269 16.79 15.27 -7.50
C ILE A 269 16.30 14.78 -8.85
N TYR A 270 16.69 15.50 -9.90
CA TYR A 270 16.22 15.19 -11.26
C TYR A 270 17.14 14.21 -11.95
N VAL A 271 16.79 12.93 -11.84
CA VAL A 271 17.66 11.84 -12.27
C VAL A 271 17.80 11.76 -13.80
N GLN A 272 16.75 12.13 -14.52
CA GLN A 272 16.82 12.12 -15.99
C GLN A 272 17.79 13.17 -16.51
N ASP A 273 17.75 14.36 -15.91
CA ASP A 273 18.67 15.45 -16.27
C ASP A 273 20.13 15.04 -16.10
N LEU A 274 20.42 14.37 -14.98
CA LEU A 274 21.76 13.88 -14.66
C LEU A 274 22.23 12.82 -15.65
N LEU A 275 21.34 11.89 -15.99
CA LEU A 275 21.66 10.84 -16.94
C LEU A 275 21.78 11.36 -18.37
N ASP A 276 20.97 12.36 -18.70
CA ASP A 276 21.04 13.03 -20.01
C ASP A 276 22.39 13.72 -20.24
N GLU A 277 23.02 14.18 -19.15
CA GLU A 277 24.31 14.85 -19.23
C GLU A 277 25.48 13.87 -19.33
N TRP A 278 25.44 12.80 -18.54
CA TRP A 278 26.55 11.85 -18.48
C TRP A 278 26.57 10.86 -19.65
N LEU A 279 25.39 10.44 -20.10
CA LEU A 279 25.26 9.36 -21.07
C LEU A 279 24.70 9.79 -22.43
N GLY A 280 24.11 10.99 -22.48
CA GLY A 280 23.42 11.47 -23.66
C GLY A 280 21.93 11.58 -23.41
N LYS A 281 21.30 12.55 -24.05
CA LYS A 281 19.86 12.80 -23.87
C LYS A 281 19.00 11.61 -24.28
N ASP A 282 18.16 11.16 -23.34
CA ASP A 282 17.28 10.00 -23.53
C ASP A 282 17.98 8.66 -23.81
N ALA A 283 19.30 8.60 -23.63
CA ALA A 283 20.05 7.35 -23.74
C ALA A 283 19.58 6.38 -22.66
N ALA A 284 19.29 6.94 -21.49
CA ALA A 284 18.71 6.18 -20.38
C ALA A 284 17.26 6.62 -20.17
N ARG A 285 16.47 5.77 -19.52
CA ARG A 285 15.09 6.10 -19.17
C ARG A 285 14.88 5.92 -17.67
N VAL A 286 14.52 7.02 -17.01
CA VAL A 286 14.18 7.00 -15.58
C VAL A 286 12.69 6.74 -15.41
N ILE A 287 12.36 5.75 -14.59
CA ILE A 287 10.98 5.39 -14.28
C ILE A 287 10.67 5.73 -12.83
N LEU A 288 9.56 6.43 -12.61
CA LEU A 288 9.10 6.79 -11.27
C LEU A 288 7.84 5.99 -10.92
N PRO A 289 7.99 4.89 -10.16
CA PRO A 289 6.92 3.92 -9.92
C PRO A 289 5.73 4.41 -9.11
N ILE A 290 5.87 5.54 -8.40
CA ILE A 290 4.85 6.02 -7.46
C ILE A 290 3.45 6.17 -8.05
N THR A 291 3.37 6.65 -9.28
CA THR A 291 2.07 6.86 -9.94
C THR A 291 2.10 6.49 -11.42
N ASP A 292 1.00 6.75 -12.12
CA ASP A 292 0.93 6.59 -13.57
C ASP A 292 1.84 7.61 -14.26
N PRO A 293 2.44 7.25 -15.40
CA PRO A 293 3.46 8.08 -16.04
C PRO A 293 2.93 9.41 -16.63
N TYR A 294 1.64 9.46 -16.93
CA TYR A 294 1.03 10.68 -17.50
C TYR A 294 0.73 11.76 -16.46
N VAL A 295 0.93 11.44 -15.18
CA VAL A 295 0.76 12.39 -14.08
C VAL A 295 1.96 13.34 -14.04
N VAL A 296 1.69 14.65 -14.04
CA VAL A 296 2.73 15.67 -14.07
C VAL A 296 2.53 16.78 -13.03
N HIS A 297 1.83 16.46 -11.95
CA HIS A 297 1.49 17.45 -10.93
C HIS A 297 1.86 17.01 -9.50
N HIS A 298 3.15 17.10 -9.18
CA HIS A 298 3.72 16.83 -7.84
C HIS A 298 3.34 15.50 -7.15
N GLY A 299 2.21 14.92 -7.55
CA GLY A 299 1.80 13.61 -7.08
C GLY A 299 2.68 12.50 -7.65
N ALA A 300 3.56 12.89 -8.55
CA ALA A 300 4.52 11.98 -9.19
C ALA A 300 5.87 11.97 -8.47
N LEU A 301 5.93 12.60 -7.30
CA LEU A 301 7.17 12.70 -6.55
C LEU A 301 7.24 11.75 -5.36
N GLY A 302 8.09 10.74 -5.51
CA GLY A 302 8.35 9.76 -4.46
C GLY A 302 9.83 9.57 -4.27
N SER A 303 10.20 8.71 -3.32
CA SER A 303 11.58 8.57 -2.90
C SER A 303 12.27 7.29 -3.41
N PHE A 304 11.74 6.73 -4.49
CA PHE A 304 12.28 5.52 -5.11
C PHE A 304 12.13 5.67 -6.62
N ALA A 305 13.19 5.30 -7.34
CA ALA A 305 13.16 5.34 -8.80
C ALA A 305 14.01 4.21 -9.35
N THR A 306 13.77 3.85 -10.60
CA THR A 306 14.58 2.88 -11.31
C THR A 306 14.95 3.45 -12.68
N ALA A 307 16.10 3.06 -13.20
CA ALA A 307 16.53 3.57 -14.50
C ALA A 307 17.00 2.46 -15.42
N TYR A 308 16.64 2.60 -16.69
CA TYR A 308 17.09 1.68 -17.74
C TYR A 308 18.22 2.37 -18.48
N LEU A 309 19.38 1.73 -18.51
CA LEU A 309 20.59 2.32 -19.07
C LEU A 309 20.88 1.82 -20.47
N PRO A 310 21.61 2.62 -21.27
CA PRO A 310 21.98 2.20 -22.62
C PRO A 310 22.91 0.98 -22.59
N ASP A 311 22.87 0.19 -23.65
CA ASP A 311 23.70 -1.01 -23.76
C ASP A 311 25.18 -0.64 -23.79
N GLY A 312 25.97 -1.35 -22.99
CA GLY A 312 27.42 -1.17 -22.98
C GLY A 312 27.98 -0.25 -21.91
N CYS A 313 27.22 0.78 -21.53
CA CYS A 313 27.69 1.80 -20.58
C CYS A 313 28.13 1.19 -19.24
N ASP A 314 29.02 1.89 -18.55
CA ASP A 314 29.57 1.41 -17.29
C ASP A 314 28.56 1.66 -16.17
N ARG A 315 27.82 0.61 -15.81
CA ARG A 315 26.81 0.68 -14.75
C ARG A 315 27.47 1.10 -13.44
N SER A 316 28.53 0.39 -13.06
CA SER A 316 29.26 0.66 -11.82
C SER A 316 29.66 2.13 -11.67
N GLU A 317 30.16 2.73 -12.76
CA GLU A 317 30.56 4.13 -12.76
C GLU A 317 29.36 5.09 -12.59
N ILE A 318 28.29 4.84 -13.33
CA ILE A 318 27.08 5.65 -13.25
C ILE A 318 26.45 5.60 -11.86
N MET A 319 26.46 4.42 -11.25
CA MET A 319 25.94 4.21 -9.90
C MET A 319 26.71 5.00 -8.86
N ALA A 320 28.02 5.04 -9.01
CA ALA A 320 28.90 5.81 -8.11
C ALA A 320 28.65 7.31 -8.23
N ARG A 321 28.43 7.78 -9.46
CA ARG A 321 28.15 9.18 -9.72
C ARG A 321 26.83 9.61 -9.08
N LEU A 322 25.83 8.74 -9.13
CA LEU A 322 24.53 9.01 -8.53
C LEU A 322 24.60 8.95 -7.01
N LYS A 323 25.29 7.94 -6.47
CA LYS A 323 25.41 7.75 -5.02
C LYS A 323 26.17 8.91 -4.36
N ALA A 324 27.09 9.53 -5.10
CA ALA A 324 27.88 10.66 -4.60
C ALA A 324 27.04 11.91 -4.33
N ILE A 325 25.89 12.02 -5.00
CA ILE A 325 24.99 13.16 -4.83
C ILE A 325 24.32 13.11 -3.45
N GLN A 326 24.42 14.22 -2.72
CA GLN A 326 23.77 14.34 -1.41
C GLN A 326 22.26 14.35 -1.58
N GLY A 327 21.62 13.34 -1.00
CA GLY A 327 20.18 13.16 -1.16
C GLY A 327 19.84 11.85 -1.86
N VAL A 328 20.83 11.23 -2.49
CA VAL A 328 20.68 9.90 -3.05
C VAL A 328 21.35 8.92 -2.10
N ASP A 329 20.55 8.23 -1.30
CA ASP A 329 21.07 7.38 -0.23
C ASP A 329 21.51 6.00 -0.70
N VAL A 330 20.74 5.42 -1.63
CA VAL A 330 20.97 4.04 -2.05
C VAL A 330 20.95 3.97 -3.57
N VAL A 331 21.99 3.38 -4.14
CA VAL A 331 22.01 3.04 -5.57
C VAL A 331 22.48 1.60 -5.69
N LEU A 332 21.65 0.76 -6.31
CA LEU A 332 21.95 -0.66 -6.46
C LEU A 332 21.70 -1.13 -7.88
N GLY A 333 22.47 -2.13 -8.32
CA GLY A 333 22.23 -2.77 -9.60
C GLY A 333 20.98 -3.63 -9.50
N ARG A 334 20.41 -3.97 -10.65
CA ARG A 334 19.19 -4.79 -10.70
C ARG A 334 19.27 -6.02 -9.79
N GLU A 335 20.35 -6.79 -9.93
CA GLU A 335 20.53 -8.03 -9.20
C GLU A 335 20.52 -7.84 -7.68
N GLU A 336 21.32 -6.89 -7.21
CA GLU A 336 21.42 -6.59 -5.78
C GLU A 336 20.11 -5.99 -5.24
N ALA A 337 19.53 -5.07 -5.99
CA ALA A 337 18.27 -4.43 -5.58
C ALA A 337 17.14 -5.44 -5.45
N CYS A 338 17.06 -6.36 -6.41
CA CYS A 338 16.01 -7.38 -6.39
C CYS A 338 16.19 -8.38 -5.26
N ARG A 339 17.44 -8.71 -4.94
CA ARG A 339 17.74 -9.59 -3.81
C ARG A 339 17.40 -8.90 -2.49
N ARG A 340 17.91 -7.69 -2.30
CA ARG A 340 17.74 -6.94 -1.06
C ARG A 340 16.29 -6.56 -0.82
N PHE A 341 15.61 -6.06 -1.84
CA PHE A 341 14.25 -5.53 -1.68
C PHE A 341 13.17 -6.53 -2.07
N GLU A 342 13.59 -7.72 -2.51
CA GLU A 342 12.68 -8.82 -2.87
C GLU A 342 11.73 -8.43 -4.01
N LEU A 343 12.34 -8.05 -5.13
CA LEU A 343 11.65 -7.54 -6.30
C LEU A 343 11.93 -8.44 -7.50
N PRO A 344 11.05 -8.40 -8.53
CA PRO A 344 11.25 -9.24 -9.71
C PRO A 344 12.20 -8.58 -10.73
N GLU A 345 13.25 -9.30 -11.12
CA GLU A 345 14.28 -8.75 -12.02
C GLU A 345 13.71 -8.29 -13.37
N ASP A 346 12.67 -8.97 -13.84
CA ASP A 346 12.12 -8.71 -15.17
C ASP A 346 11.20 -7.49 -15.23
N ARG A 347 10.93 -6.88 -14.09
CA ARG A 347 10.05 -5.70 -14.04
C ARG A 347 10.73 -4.49 -13.39
N ILE A 348 12.04 -4.58 -13.25
CA ILE A 348 12.86 -3.52 -12.65
C ILE A 348 13.95 -3.10 -13.65
N GLY A 349 14.38 -1.84 -13.55
CA GLY A 349 15.43 -1.30 -14.40
C GLY A 349 16.81 -1.82 -14.07
N ASP A 350 17.81 -1.28 -14.77
CA ASP A 350 19.21 -1.65 -14.59
C ASP A 350 19.75 -1.20 -13.24
N ILE A 351 19.27 -0.05 -12.78
CA ILE A 351 19.65 0.47 -11.47
C ILE A 351 18.42 0.90 -10.68
N VAL A 352 18.57 0.90 -9.36
CA VAL A 352 17.52 1.31 -8.43
C VAL A 352 18.07 2.40 -7.52
N LEU A 353 17.29 3.48 -7.36
CA LEU A 353 17.69 4.61 -6.53
C LEU A 353 16.69 4.84 -5.41
N VAL A 354 17.21 5.11 -4.21
CA VAL A 354 16.39 5.53 -3.08
C VAL A 354 16.94 6.83 -2.53
N SER A 355 16.08 7.82 -2.38
CA SER A 355 16.50 9.13 -1.90
C SER A 355 16.45 9.26 -0.38
N SER A 356 17.07 10.33 0.13
CA SER A 356 17.14 10.61 1.55
C SER A 356 15.78 10.98 2.14
N GLU A 357 15.72 11.00 3.47
CA GLU A 357 14.49 11.21 4.23
C GLU A 357 13.59 12.34 3.72
N ASN A 358 14.19 13.48 3.38
CA ASN A 358 13.39 14.66 3.03
C ASN A 358 13.53 15.11 1.57
N LYS A 359 13.97 14.19 0.72
CA LYS A 359 14.06 14.45 -0.70
C LYS A 359 13.29 13.43 -1.53
N THR A 360 12.92 13.83 -2.75
CA THR A 360 12.27 12.92 -3.70
C THR A 360 13.09 12.84 -5.00
N LEU A 361 12.73 11.88 -5.83
CA LEU A 361 13.39 11.67 -7.11
C LEU A 361 12.43 12.03 -8.25
N GLY A 362 12.92 12.85 -9.17
CA GLY A 362 12.14 13.23 -10.33
C GLY A 362 12.87 12.86 -11.60
N THR A 363 12.25 13.19 -12.74
CA THR A 363 12.89 12.97 -14.03
C THR A 363 13.64 14.22 -14.47
N SER A 364 12.93 15.18 -15.07
CA SER A 364 13.59 16.30 -15.73
C SER A 364 13.05 17.67 -15.35
N GLU A 365 13.90 18.68 -15.55
CA GLU A 365 13.50 20.09 -15.42
C GLU A 365 13.01 20.67 -16.75
N HIS A 366 13.47 20.09 -17.86
CA HIS A 366 12.95 20.44 -19.18
C HIS A 366 11.61 19.74 -19.40
N ARG A 367 10.59 20.55 -19.74
CA ARG A 367 9.17 20.13 -19.72
C ARG A 367 8.63 20.12 -18.29
N HIS A 368 9.44 19.59 -17.36
CA HIS A 368 9.23 19.72 -15.91
C HIS A 368 7.99 19.04 -15.34
N ASP A 369 7.94 18.92 -14.02
CA ASP A 369 6.76 18.47 -13.29
C ASP A 369 6.22 19.64 -12.47
N LEU A 370 5.06 20.14 -12.89
CA LEU A 370 4.45 21.33 -12.28
C LEU A 370 3.93 21.08 -10.86
N ALA A 371 4.11 22.07 -9.99
CA ALA A 371 3.56 22.02 -8.64
C ALA A 371 2.11 22.51 -8.65
N ALA A 372 1.19 21.61 -8.28
CA ALA A 372 -0.24 21.91 -8.31
C ALA A 372 -0.75 22.46 -6.98
N LEU A 373 -0.88 21.57 -5.98
CA LEU A 373 -1.43 21.93 -4.68
C LEU A 373 -0.51 22.84 -3.86
N ASP A 374 -1.11 23.57 -2.92
CA ASP A 374 -0.41 24.61 -2.16
C ASP A 374 0.47 24.07 -1.04
N GLU A 375 0.01 23.00 -0.37
CA GLU A 375 0.68 22.51 0.84
C GLU A 375 2.08 21.92 0.56
N PRO A 376 3.02 22.10 1.51
CA PRO A 376 4.37 21.56 1.34
C PRO A 376 4.35 20.05 1.14
N LEU A 377 5.21 19.58 0.24
CA LEU A 377 5.19 18.19 -0.20
C LEU A 377 5.45 17.20 0.93
N ARG A 378 4.59 16.18 1.01
CA ARG A 378 4.79 15.02 1.86
C ARG A 378 4.68 13.81 0.95
N SER A 379 5.59 12.84 1.12
CA SER A 379 5.52 11.63 0.29
C SER A 379 6.18 10.42 0.92
N HIS A 380 6.41 9.41 0.09
CA HIS A 380 6.90 8.12 0.55
C HIS A 380 7.63 7.42 -0.60
N GLY A 381 7.94 6.15 -0.42
CA GLY A 381 8.67 5.37 -1.42
C GLY A 381 10.02 4.87 -0.94
N GLY A 382 10.62 5.60 -0.01
CA GLY A 382 11.96 5.28 0.49
C GLY A 382 12.02 4.40 1.72
N LEU A 383 13.23 4.19 2.22
CA LEU A 383 13.45 3.44 3.45
C LEU A 383 12.89 4.15 4.67
N THR A 384 12.75 5.47 4.57
CA THR A 384 12.28 6.30 5.66
C THR A 384 10.74 6.32 5.79
N GLU A 385 10.05 5.54 4.95
CA GLU A 385 8.61 5.31 5.10
C GLU A 385 8.29 3.82 5.12
N GLN A 386 9.30 3.02 5.45
CA GLN A 386 9.15 1.57 5.53
C GLN A 386 8.52 1.13 6.86
N GLU A 387 8.78 1.87 7.92
CA GLU A 387 8.27 1.51 9.25
C GLU A 387 6.80 1.90 9.40
N VAL A 388 5.97 0.92 9.75
CA VAL A 388 4.53 1.12 9.86
C VAL A 388 4.00 0.48 11.15
N PRO A 389 2.83 0.94 11.64
CA PRO A 389 2.24 0.28 12.81
C PRO A 389 1.82 -1.14 12.46
N PHE A 390 1.79 -2.00 13.49
CA PHE A 390 1.22 -3.33 13.34
C PHE A 390 0.64 -3.66 14.70
N ILE A 391 -0.67 -3.53 14.81
CA ILE A 391 -1.36 -3.64 16.10
C ILE A 391 -2.44 -4.69 15.99
N VAL A 392 -2.46 -5.61 16.95
CA VAL A 392 -3.43 -6.72 16.95
C VAL A 392 -4.29 -6.62 18.20
N ASN A 393 -5.60 -6.84 18.04
CA ASN A 393 -6.53 -6.78 19.17
C ASN A 393 -6.67 -8.11 19.90
N ARG A 394 -5.57 -8.86 19.95
CA ARG A 394 -5.52 -10.12 20.68
C ARG A 394 -4.16 -10.20 21.36
N VAL A 395 -4.06 -11.07 22.38
CA VAL A 395 -2.80 -11.27 23.08
C VAL A 395 -1.93 -12.22 22.24
N LEU A 396 -0.77 -11.72 21.81
CA LEU A 396 0.14 -12.46 20.92
C LEU A 396 1.59 -12.20 21.27
N PRO A 397 2.05 -12.76 22.41
CA PRO A 397 3.40 -12.46 22.88
C PRO A 397 4.53 -12.85 21.91
N GLU A 398 4.28 -13.85 21.08
CA GLU A 398 5.29 -14.36 20.14
C GLU A 398 5.42 -13.52 18.89
N LEU A 399 4.48 -12.60 18.68
CA LEU A 399 4.51 -11.76 17.48
C LEU A 399 5.87 -11.08 17.36
N PRO A 400 6.54 -11.23 16.19
CA PRO A 400 7.81 -10.55 16.01
C PRO A 400 7.66 -9.03 15.94
N ASN A 401 8.79 -8.34 15.91
CA ASN A 401 8.85 -6.90 15.65
C ASN A 401 9.71 -6.64 14.42
N ALA A 402 9.56 -5.45 13.83
CA ALA A 402 10.44 -5.02 12.74
C ALA A 402 11.90 -5.18 13.16
N PRO A 403 12.81 -5.52 12.21
CA PRO A 403 12.59 -5.71 10.77
C PRO A 403 12.07 -7.10 10.37
N ARG A 404 11.97 -8.02 11.31
CA ARG A 404 11.48 -9.37 11.02
C ARG A 404 10.00 -9.36 10.67
N LEU A 405 9.21 -8.60 11.42
CA LEU A 405 7.79 -8.44 11.13
C LEU A 405 7.57 -7.55 9.91
N ARG A 406 6.77 -8.04 8.98
CA ARG A 406 6.43 -7.32 7.75
C ARG A 406 4.97 -6.92 7.73
N ASN A 407 4.63 -5.83 7.06
CA ASN A 407 3.21 -5.49 6.92
C ASN A 407 2.44 -6.62 6.25
N PHE A 408 3.10 -7.35 5.35
CA PHE A 408 2.45 -8.44 4.64
C PHE A 408 2.41 -9.75 5.44
N ASP A 409 2.68 -9.63 6.75
CA ASP A 409 2.38 -10.70 7.70
C ASP A 409 1.01 -10.47 8.35
N ALA A 410 0.31 -9.42 7.91
CA ALA A 410 -0.96 -9.02 8.53
C ALA A 410 -1.97 -10.16 8.57
N PHE A 411 -2.28 -10.78 7.44
CA PHE A 411 -3.28 -11.85 7.45
C PHE A 411 -2.79 -13.10 8.16
N PHE A 412 -1.50 -13.40 8.05
CA PHE A 412 -0.96 -14.54 8.76
C PHE A 412 -1.24 -14.44 10.25
N TYR A 413 -0.96 -13.29 10.84
CA TYR A 413 -1.17 -13.12 12.26
C TYR A 413 -2.62 -12.83 12.63
N ALA A 414 -3.39 -12.24 11.72
CA ALA A 414 -4.82 -12.05 11.93
C ALA A 414 -5.53 -13.40 12.07
N VAL A 415 -5.27 -14.31 11.14
CA VAL A 415 -5.91 -15.64 11.19
C VAL A 415 -5.38 -16.48 12.35
N THR A 416 -4.09 -16.33 12.66
CA THR A 416 -3.50 -16.99 13.82
C THR A 416 -4.22 -16.55 15.09
N ALA A 417 -4.41 -15.24 15.24
CA ALA A 417 -5.14 -14.68 16.39
C ALA A 417 -6.59 -15.19 16.42
N ALA A 418 -7.19 -15.33 15.24
CA ALA A 418 -8.59 -15.76 15.11
C ALA A 418 -8.77 -17.26 15.29
N ALA A 419 -7.67 -18.01 15.26
CA ALA A 419 -7.72 -19.46 15.33
C ALA A 419 -7.39 -19.97 16.73
#